data_2BKA
#
_entry.id   2BKA
#
_cell.length_a   68.140
_cell.length_b   68.140
_cell.length_c   119.200
_cell.angle_alpha   90.00
_cell.angle_beta   90.00
_cell.angle_gamma   120.00
#
_symmetry.space_group_name_H-M   'P 32 2 1'
#
loop_
_entity.id
_entity.type
_entity.pdbx_description
1 polymer 'TAT-INTERACTING PROTEIN TIP30'
2 non-polymer 'NADPH DIHYDRO-NICOTINAMIDE-ADENINE-DINUCLEOTIDE PHOSPHATE'
3 non-polymer 3,6,9,12,15,18,21-HEPTAOXATRICOSANE-1,23-DIOL
4 non-polymer GLYCEROL
5 non-polymer 'SULFATE ION'
6 water water
#
_entity_poly.entity_id   1
_entity_poly.type   'polypeptide(L)'
_entity_poly.pdbx_seq_one_letter_code
;MAETEALSKLREDFRMQNKSVFILGASGETGRVLLKEILEQGLFSKVTLIGRRKLTFDEEAYKNVNQEVVDFEKLDDYAS
AFQGHDVGFCCLGTTRGKAGAEGFVRVDRDYVLKSAELAKAGGCKHFNLLSSKGADKSSNFLYLQVKGEVEAKVEELKFD
RYSVFRPGVLLCDRQESRPGEWLVRKFFGSLPDSWASGHSVPVVTVVRAMLNNVVRPRDKQMELLENKAIHDLGKAHGSL
KP
;
_entity_poly.pdbx_strand_id   A
#
loop_
_chem_comp.id
_chem_comp.type
_chem_comp.name
_chem_comp.formula
GOL non-polymer GLYCEROL 'C3 H8 O3'
NDP non-polymer 'NADPH DIHYDRO-NICOTINAMIDE-ADENINE-DINUCLEOTIDE PHOSPHATE' 'C21 H30 N7 O17 P3'
PE8 non-polymer 3,6,9,12,15,18,21-HEPTAOXATRICOSANE-1,23-DIOL 'C16 H34 O9'
SO4 non-polymer 'SULFATE ION' 'O4 S -2'
#
# COMPACT_ATOMS: atom_id res chain seq x y z
N GLU A 5 18.83 14.64 -1.21
CA GLU A 5 19.38 15.55 -2.27
C GLU A 5 19.10 14.94 -3.64
N ALA A 6 19.58 13.71 -3.85
CA ALA A 6 19.34 13.01 -5.12
C ALA A 6 17.85 12.67 -5.12
N LEU A 7 17.35 12.33 -3.95
CA LEU A 7 15.95 11.98 -3.79
C LEU A 7 15.12 13.25 -4.01
N SER A 8 15.65 14.38 -3.57
CA SER A 8 14.95 15.65 -3.76
C SER A 8 14.82 15.94 -5.24
N LYS A 9 15.86 15.62 -6.01
CA LYS A 9 15.86 15.82 -7.44
C LYS A 9 14.82 14.92 -8.10
N LEU A 10 14.76 13.67 -7.65
CA LEU A 10 13.79 12.73 -8.21
C LEU A 10 12.38 13.23 -7.95
N ARG A 11 12.13 13.76 -6.76
CA ARG A 11 10.80 14.25 -6.45
C ARG A 11 10.44 15.45 -7.34
N GLU A 12 11.38 16.35 -7.56
CA GLU A 12 11.10 17.52 -8.42
C GLU A 12 10.76 17.05 -9.83
N ASP A 13 11.58 16.16 -10.37
CA ASP A 13 11.34 15.64 -11.72
C ASP A 13 9.96 15.00 -11.77
N PHE A 14 9.60 14.27 -10.72
CA PHE A 14 8.31 13.59 -10.69
C PHE A 14 7.16 14.59 -10.68
N ARG A 15 7.30 15.67 -9.92
CA ARG A 15 6.21 16.66 -9.87
C ARG A 15 6.02 17.29 -11.25
N MET A 16 7.11 17.43 -12.00
CA MET A 16 7.01 18.03 -13.32
C MET A 16 6.31 17.11 -14.31
N GLN A 17 6.15 15.83 -13.95
CA GLN A 17 5.47 14.89 -14.85
C GLN A 17 3.94 14.96 -14.78
N ASN A 18 3.41 15.72 -13.82
CA ASN A 18 1.97 15.93 -13.70
C ASN A 18 1.20 14.61 -13.64
N LYS A 19 1.61 13.74 -12.73
CA LYS A 19 0.97 12.43 -12.57
C LYS A 19 -0.23 12.45 -11.63
N SER A 20 -1.20 11.58 -11.89
CA SER A 20 -2.37 11.47 -11.03
C SER A 20 -2.27 10.14 -10.28
N VAL A 21 -2.89 10.06 -9.11
CA VAL A 21 -2.84 8.82 -8.33
C VAL A 21 -4.20 8.43 -7.77
N PHE A 22 -4.45 7.14 -7.64
CA PHE A 22 -5.67 6.71 -6.97
C PHE A 22 -5.22 5.83 -5.81
N ILE A 23 -6.00 5.83 -4.73
CA ILE A 23 -5.71 5.04 -3.54
C ILE A 23 -6.91 4.24 -3.10
N LEU A 24 -6.70 2.96 -2.80
CA LEU A 24 -7.72 2.08 -2.26
C LEU A 24 -7.27 1.88 -0.81
N GLY A 25 -8.20 1.95 0.14
CA GLY A 25 -7.81 1.77 1.53
C GLY A 25 -7.32 3.03 2.22
N ALA A 26 -7.67 4.20 1.71
CA ALA A 26 -7.23 5.45 2.34
C ALA A 26 -7.79 5.65 3.75
N SER A 27 -8.88 4.97 4.08
CA SER A 27 -9.50 5.10 5.40
C SER A 27 -8.76 4.25 6.44
N GLY A 28 -7.96 3.31 5.96
CA GLY A 28 -7.20 2.45 6.85
C GLY A 28 -6.03 3.18 7.48
N GLU A 29 -5.36 2.53 8.43
CA GLU A 29 -4.24 3.19 9.08
C GLU A 29 -3.05 3.42 8.16
N THR A 30 -2.72 2.45 7.30
CA THR A 30 -1.60 2.68 6.40
C THR A 30 -2.06 3.66 5.32
N GLY A 31 -3.26 3.43 4.80
CA GLY A 31 -3.77 4.29 3.76
C GLY A 31 -3.87 5.75 4.16
N ARG A 32 -4.24 6.03 5.41
CA ARG A 32 -4.38 7.43 5.80
C ARG A 32 -3.04 8.11 5.92
N VAL A 33 -2.01 7.34 6.28
CA VAL A 33 -0.67 7.88 6.39
C VAL A 33 -0.14 8.09 4.96
N LEU A 34 -0.46 7.17 4.05
CA LEU A 34 -0.04 7.31 2.67
C LEU A 34 -0.66 8.59 2.06
N LEU A 35 -1.96 8.79 2.30
CA LEU A 35 -2.62 9.97 1.76
C LEU A 35 -2.00 11.25 2.35
N LYS A 36 -1.79 11.25 3.66
CA LYS A 36 -1.22 12.42 4.32
C LYS A 36 0.15 12.76 3.73
N GLU A 37 1.01 11.75 3.59
CA GLU A 37 2.34 11.98 3.02
C GLU A 37 2.28 12.42 1.57
N ILE A 38 1.32 11.89 0.81
CA ILE A 38 1.19 12.28 -0.59
C ILE A 38 0.86 13.78 -0.67
N LEU A 39 0.01 14.25 0.23
CA LEU A 39 -0.35 15.66 0.26
C LEU A 39 0.79 16.53 0.79
N GLU A 40 1.49 16.04 1.82
CA GLU A 40 2.62 16.79 2.39
C GLU A 40 3.76 16.92 1.39
N GLN A 41 3.96 15.90 0.57
CA GLN A 41 5.04 15.92 -0.42
C GLN A 41 4.62 16.53 -1.76
N GLY A 42 3.32 16.67 -1.99
CA GLY A 42 2.82 17.25 -3.24
C GLY A 42 3.35 16.54 -4.47
N LEU A 43 3.38 15.21 -4.45
CA LEU A 43 3.92 14.47 -5.58
C LEU A 43 3.00 14.33 -6.79
N PHE A 44 1.69 14.44 -6.56
CA PHE A 44 0.72 14.26 -7.62
C PHE A 44 -0.14 15.48 -7.86
N SER A 45 -0.57 15.67 -9.11
CA SER A 45 -1.40 16.82 -9.44
C SER A 45 -2.90 16.53 -9.24
N LYS A 46 -3.24 15.26 -9.05
CA LYS A 46 -4.61 14.88 -8.79
C LYS A 46 -4.59 13.64 -7.90
N VAL A 47 -5.41 13.64 -6.86
CA VAL A 47 -5.48 12.51 -5.92
C VAL A 47 -6.93 12.04 -5.83
N THR A 48 -7.15 10.76 -6.08
CA THR A 48 -8.49 10.20 -6.05
C THR A 48 -8.56 9.01 -5.10
N LEU A 49 -9.56 9.01 -4.22
CA LEU A 49 -9.75 7.89 -3.30
C LEU A 49 -10.90 7.06 -3.85
N ILE A 50 -10.76 5.73 -3.81
CA ILE A 50 -11.81 4.83 -4.27
C ILE A 50 -12.14 3.91 -3.09
N GLY A 51 -13.40 3.91 -2.67
CA GLY A 51 -13.76 3.09 -1.53
C GLY A 51 -15.25 2.98 -1.31
N ARG A 52 -15.61 2.20 -0.29
CA ARG A 52 -17.02 1.95 0.01
C ARG A 52 -17.79 3.08 0.70
N ARG A 53 -17.10 4.13 1.14
CA ARG A 53 -17.77 5.21 1.83
C ARG A 53 -17.07 6.56 1.69
N LYS A 54 -17.85 7.63 1.80
CA LYS A 54 -17.27 8.96 1.69
C LYS A 54 -16.57 9.28 3.01
N LEU A 55 -15.39 9.88 2.93
CA LEU A 55 -14.63 10.24 4.11
C LEU A 55 -14.69 11.75 4.34
N THR A 56 -14.62 12.17 5.60
CA THR A 56 -14.64 13.60 5.93
C THR A 56 -13.26 13.96 6.46
N PHE A 57 -12.73 15.10 6.03
CA PHE A 57 -11.40 15.49 6.46
C PHE A 57 -11.25 16.78 7.26
N ASP A 58 -10.05 16.92 7.83
CA ASP A 58 -9.68 18.04 8.67
C ASP A 58 -9.02 19.18 7.88
N GLU A 59 -7.70 19.06 7.68
CA GLU A 59 -6.90 20.06 6.98
C GLU A 59 -7.39 20.50 5.59
N GLU A 60 -6.89 21.65 5.16
CA GLU A 60 -7.25 22.26 3.89
C GLU A 60 -6.82 21.52 2.63
N ALA A 61 -5.62 20.93 2.64
CA ALA A 61 -5.13 20.23 1.46
C ALA A 61 -6.09 19.13 1.00
N TYR A 62 -6.84 18.58 1.94
CA TYR A 62 -7.76 17.51 1.59
C TYR A 62 -8.91 18.01 0.74
N LYS A 63 -9.11 19.32 0.70
CA LYS A 63 -10.20 19.87 -0.09
C LYS A 63 -10.14 19.54 -1.57
N ASN A 64 -8.94 19.27 -2.08
CA ASN A 64 -8.79 18.95 -3.51
C ASN A 64 -8.81 17.46 -3.81
N VAL A 65 -8.96 16.64 -2.76
CA VAL A 65 -8.97 15.21 -2.96
C VAL A 65 -10.31 14.74 -3.51
N ASN A 66 -10.26 13.98 -4.61
CA ASN A 66 -11.48 13.46 -5.22
C ASN A 66 -11.85 12.13 -4.57
N GLN A 67 -13.14 11.90 -4.38
CA GLN A 67 -13.59 10.65 -3.79
C GLN A 67 -14.60 9.97 -4.69
N GLU A 68 -14.38 8.67 -4.91
CA GLU A 68 -15.28 7.87 -5.72
C GLU A 68 -15.81 6.80 -4.77
N VAL A 69 -17.10 6.88 -4.45
CA VAL A 69 -17.71 5.90 -3.56
C VAL A 69 -18.28 4.80 -4.44
N VAL A 70 -17.82 3.58 -4.20
CA VAL A 70 -18.21 2.45 -5.03
C VAL A 70 -18.79 1.28 -4.24
N ASP A 71 -19.42 0.36 -4.96
CA ASP A 71 -19.95 -0.86 -4.38
C ASP A 71 -19.03 -1.95 -4.92
N PHE A 72 -18.17 -2.48 -4.06
CA PHE A 72 -17.21 -3.49 -4.50
C PHE A 72 -17.86 -4.77 -5.02
N GLU A 73 -19.10 -5.04 -4.61
CA GLU A 73 -19.79 -6.24 -5.11
C GLU A 73 -20.24 -6.06 -6.57
N LYS A 74 -20.26 -4.82 -7.03
CA LYS A 74 -20.66 -4.49 -8.41
C LYS A 74 -19.63 -3.53 -8.98
N LEU A 75 -18.36 -3.74 -8.64
CA LEU A 75 -17.30 -2.83 -9.07
C LEU A 75 -17.25 -2.50 -10.55
N ASP A 76 -17.58 -3.47 -11.42
CA ASP A 76 -17.54 -3.19 -12.86
C ASP A 76 -18.40 -1.98 -13.20
N ASP A 77 -19.47 -1.76 -12.44
CA ASP A 77 -20.34 -0.61 -12.70
C ASP A 77 -19.71 0.72 -12.34
N TYR A 78 -18.56 0.66 -11.68
CA TYR A 78 -17.85 1.87 -11.26
C TYR A 78 -16.50 1.94 -11.96
N ALA A 79 -16.41 1.30 -13.13
CA ALA A 79 -15.16 1.29 -13.88
C ALA A 79 -14.63 2.69 -14.15
N SER A 80 -15.52 3.66 -14.33
CA SER A 80 -15.10 5.03 -14.60
C SER A 80 -14.22 5.61 -13.50
N ALA A 81 -14.40 5.13 -12.27
CA ALA A 81 -13.62 5.61 -11.14
C ALA A 81 -12.14 5.24 -11.29
N PHE A 82 -11.86 4.25 -12.14
CA PHE A 82 -10.49 3.80 -12.35
C PHE A 82 -9.87 4.33 -13.63
N GLN A 83 -10.58 5.21 -14.31
CA GLN A 83 -10.10 5.73 -15.58
C GLN A 83 -9.12 6.89 -15.49
N GLY A 84 -8.03 6.75 -16.25
CA GLY A 84 -7.05 7.80 -16.36
C GLY A 84 -5.97 8.08 -15.34
N HIS A 85 -5.92 7.32 -14.25
CA HIS A 85 -4.88 7.56 -13.24
C HIS A 85 -3.57 6.93 -13.68
N ASP A 86 -2.46 7.59 -13.36
CA ASP A 86 -1.15 7.07 -13.73
C ASP A 86 -0.62 6.03 -12.74
N VAL A 87 -0.87 6.31 -11.46
CA VAL A 87 -0.37 5.46 -10.39
C VAL A 87 -1.49 5.03 -9.45
N GLY A 88 -1.39 3.80 -8.94
CA GLY A 88 -2.39 3.31 -8.02
C GLY A 88 -1.72 2.66 -6.81
N PHE A 89 -2.32 2.81 -5.64
CA PHE A 89 -1.84 2.19 -4.40
C PHE A 89 -3.00 1.44 -3.78
N CYS A 90 -2.77 0.19 -3.39
CA CYS A 90 -3.84 -0.58 -2.77
C CYS A 90 -3.46 -0.98 -1.33
N CYS A 91 -4.21 -0.43 -0.37
CA CYS A 91 -3.98 -0.69 1.06
C CYS A 91 -5.23 -1.32 1.70
N LEU A 92 -6.05 -1.97 0.88
CA LEU A 92 -7.26 -2.63 1.38
C LEU A 92 -6.89 -3.91 2.11
N GLY A 93 -7.74 -4.30 3.06
CA GLY A 93 -7.50 -5.55 3.77
C GLY A 93 -8.42 -5.70 4.96
N THR A 94 -8.83 -6.93 5.22
CA THR A 94 -9.67 -7.20 6.38
C THR A 94 -9.05 -8.38 7.14
N THR A 95 -9.80 -9.01 8.03
CA THR A 95 -9.28 -10.16 8.78
C THR A 95 -10.37 -11.20 8.89
N ARG A 96 -9.97 -12.42 9.25
CA ARG A 96 -10.93 -13.48 9.41
C ARG A 96 -11.84 -13.18 10.60
N GLY A 97 -11.26 -12.58 11.64
CA GLY A 97 -12.04 -12.25 12.82
C GLY A 97 -13.16 -11.27 12.53
N LYS A 98 -12.93 -10.35 11.60
CA LYS A 98 -13.95 -9.35 11.27
C LYS A 98 -14.89 -9.74 10.14
N ALA A 99 -14.39 -10.52 9.18
CA ALA A 99 -15.20 -10.86 8.03
C ALA A 99 -15.50 -12.32 7.81
N GLY A 100 -14.92 -13.20 8.62
CA GLY A 100 -15.12 -14.63 8.42
C GLY A 100 -14.11 -15.05 7.38
N ALA A 101 -13.90 -16.35 7.21
CA ALA A 101 -12.94 -16.83 6.24
C ALA A 101 -13.26 -16.45 4.80
N GLU A 102 -14.50 -16.70 4.37
CA GLU A 102 -14.91 -16.37 3.00
C GLU A 102 -14.89 -14.86 2.77
N GLY A 103 -15.32 -14.09 3.77
CA GLY A 103 -15.33 -12.65 3.65
C GLY A 103 -13.92 -12.09 3.51
N PHE A 104 -12.97 -12.74 4.18
CA PHE A 104 -11.58 -12.29 4.08
C PHE A 104 -11.06 -12.49 2.67
N VAL A 105 -11.34 -13.66 2.09
CA VAL A 105 -10.90 -13.91 0.72
C VAL A 105 -11.56 -12.91 -0.22
N ARG A 106 -12.85 -12.65 0.03
CA ARG A 106 -13.59 -11.72 -0.80
C ARG A 106 -12.94 -10.34 -0.88
N VAL A 107 -12.47 -9.84 0.25
CA VAL A 107 -11.84 -8.51 0.26
C VAL A 107 -10.39 -8.53 -0.20
N ASP A 108 -9.54 -9.26 0.52
CA ASP A 108 -8.12 -9.31 0.20
C ASP A 108 -7.74 -9.90 -1.15
N ARG A 109 -8.55 -10.81 -1.68
CA ARG A 109 -8.23 -11.33 -3.00
C ARG A 109 -9.18 -10.77 -4.06
N ASP A 110 -10.47 -11.05 -3.93
CA ASP A 110 -11.43 -10.62 -4.94
C ASP A 110 -11.54 -9.12 -5.21
N TYR A 111 -11.75 -8.31 -4.18
CA TYR A 111 -11.87 -6.87 -4.38
C TYR A 111 -10.58 -6.24 -4.90
N VAL A 112 -9.46 -6.70 -4.35
CA VAL A 112 -8.16 -6.19 -4.76
C VAL A 112 -7.87 -6.56 -6.20
N LEU A 113 -8.10 -7.81 -6.57
CA LEU A 113 -7.83 -8.21 -7.94
C LEU A 113 -8.74 -7.51 -8.95
N LYS A 114 -10.02 -7.38 -8.60
CA LYS A 114 -10.96 -6.72 -9.49
C LYS A 114 -10.56 -5.26 -9.68
N SER A 115 -10.15 -4.63 -8.59
CA SER A 115 -9.71 -3.23 -8.66
C SER A 115 -8.50 -3.10 -9.57
N ALA A 116 -7.55 -4.02 -9.40
CA ALA A 116 -6.35 -4.01 -10.23
C ALA A 116 -6.71 -4.21 -11.70
N GLU A 117 -7.63 -5.12 -11.98
CA GLU A 117 -8.06 -5.36 -13.35
C GLU A 117 -8.64 -4.10 -13.97
N LEU A 118 -9.50 -3.41 -13.22
CA LEU A 118 -10.11 -2.20 -13.73
C LEU A 118 -9.09 -1.08 -13.87
N ALA A 119 -8.09 -1.05 -13.00
CA ALA A 119 -7.05 -0.03 -13.08
C ALA A 119 -6.22 -0.27 -14.36
N LYS A 120 -5.87 -1.53 -14.63
CA LYS A 120 -5.10 -1.84 -15.82
C LYS A 120 -5.89 -1.43 -17.05
N ALA A 121 -7.18 -1.76 -17.07
CA ALA A 121 -8.01 -1.39 -18.22
C ALA A 121 -8.17 0.12 -18.33
N GLY A 122 -8.07 0.79 -17.18
CA GLY A 122 -8.22 2.23 -17.11
C GLY A 122 -6.98 3.04 -17.44
N GLY A 123 -5.87 2.36 -17.77
CA GLY A 123 -4.66 3.07 -18.11
C GLY A 123 -3.59 3.22 -17.04
N CYS A 124 -3.84 2.69 -15.85
CA CYS A 124 -2.85 2.76 -14.77
C CYS A 124 -1.53 2.14 -15.25
N LYS A 125 -0.43 2.86 -15.04
CA LYS A 125 0.88 2.37 -15.46
C LYS A 125 1.71 1.80 -14.32
N HIS A 126 1.45 2.24 -13.10
CA HIS A 126 2.21 1.76 -11.96
C HIS A 126 1.25 1.36 -10.86
N PHE A 127 1.14 0.07 -10.58
CA PHE A 127 0.26 -0.41 -9.52
C PHE A 127 1.10 -0.85 -8.34
N ASN A 128 0.73 -0.40 -7.15
CA ASN A 128 1.45 -0.71 -5.91
C ASN A 128 0.54 -1.50 -5.00
N LEU A 129 0.98 -2.68 -4.60
CA LEU A 129 0.20 -3.54 -3.72
C LEU A 129 0.84 -3.73 -2.35
N LEU A 130 0.07 -3.45 -1.30
CA LEU A 130 0.55 -3.64 0.05
C LEU A 130 0.19 -5.09 0.41
N SER A 131 1.21 -5.91 0.53
CA SER A 131 1.07 -7.33 0.87
C SER A 131 1.63 -7.49 2.28
N SER A 132 2.21 -8.66 2.55
CA SER A 132 2.75 -8.93 3.87
C SER A 132 3.98 -9.83 3.84
N LYS A 133 4.87 -9.62 4.78
CA LYS A 133 6.03 -10.48 4.93
C LYS A 133 5.43 -11.89 5.09
N GLY A 134 6.04 -12.88 4.45
CA GLY A 134 5.55 -14.23 4.57
C GLY A 134 4.52 -14.66 3.54
N ALA A 135 4.07 -13.72 2.69
CA ALA A 135 3.09 -14.06 1.68
C ALA A 135 3.58 -15.28 0.89
N ASP A 136 2.72 -16.29 0.74
CA ASP A 136 3.09 -17.55 0.06
C ASP A 136 1.81 -18.24 -0.34
N LYS A 137 1.55 -18.35 -1.64
CA LYS A 137 0.32 -18.97 -2.10
C LYS A 137 0.18 -20.44 -1.71
N SER A 138 1.26 -21.05 -1.23
CA SER A 138 1.24 -22.45 -0.80
C SER A 138 1.08 -22.60 0.70
N SER A 139 1.05 -21.48 1.42
CA SER A 139 0.91 -21.51 2.87
C SER A 139 -0.37 -22.17 3.37
N ASN A 140 -0.29 -22.80 4.56
CA ASN A 140 -1.46 -23.42 5.17
C ASN A 140 -2.18 -22.40 6.04
N PHE A 141 -1.61 -21.20 6.17
CA PHE A 141 -2.23 -20.13 6.95
C PHE A 141 -2.99 -19.25 5.96
N LEU A 142 -4.31 -19.20 6.12
CA LEU A 142 -5.20 -18.45 5.24
C LEU A 142 -4.72 -17.05 4.88
N TYR A 143 -4.31 -16.28 5.88
CA TYR A 143 -3.87 -14.91 5.62
C TYR A 143 -2.72 -14.86 4.62
N LEU A 144 -1.65 -15.61 4.87
CA LEU A 144 -0.49 -15.61 3.99
C LEU A 144 -0.74 -16.28 2.66
N GLN A 145 -1.64 -17.27 2.65
CA GLN A 145 -1.98 -17.96 1.40
C GLN A 145 -2.65 -16.96 0.46
N VAL A 146 -3.63 -16.23 0.98
CA VAL A 146 -4.36 -15.24 0.18
C VAL A 146 -3.42 -14.12 -0.28
N LYS A 147 -2.52 -13.66 0.58
CA LYS A 147 -1.61 -12.61 0.16
C LYS A 147 -0.74 -13.10 -0.99
N GLY A 148 -0.24 -14.33 -0.88
CA GLY A 148 0.59 -14.88 -1.93
C GLY A 148 -0.21 -15.04 -3.22
N GLU A 149 -1.46 -15.48 -3.09
CA GLU A 149 -2.28 -15.69 -4.28
C GLU A 149 -2.60 -14.40 -5.00
N VAL A 150 -3.03 -13.38 -4.26
CA VAL A 150 -3.37 -12.13 -4.92
C VAL A 150 -2.12 -11.46 -5.54
N GLU A 151 -0.95 -11.62 -4.92
CA GLU A 151 0.28 -11.04 -5.50
C GLU A 151 0.48 -11.64 -6.90
N ALA A 152 0.31 -12.95 -7.00
CA ALA A 152 0.51 -13.65 -8.26
C ALA A 152 -0.53 -13.27 -9.30
N LYS A 153 -1.79 -13.14 -8.88
CA LYS A 153 -2.84 -12.82 -9.81
C LYS A 153 -2.70 -11.39 -10.34
N VAL A 154 -2.22 -10.48 -9.51
CA VAL A 154 -2.03 -9.11 -10.00
C VAL A 154 -0.80 -9.06 -10.93
N GLU A 155 0.19 -9.91 -10.68
CA GLU A 155 1.38 -9.96 -11.53
C GLU A 155 0.97 -10.31 -12.95
N GLU A 156 -0.05 -11.16 -13.07
CA GLU A 156 -0.52 -11.60 -14.39
C GLU A 156 -1.11 -10.49 -15.23
N LEU A 157 -1.51 -9.41 -14.59
CA LEU A 157 -2.09 -8.29 -15.33
C LEU A 157 -1.05 -7.52 -16.14
N LYS A 158 0.22 -7.73 -15.83
CA LYS A 158 1.31 -7.08 -16.53
C LYS A 158 1.28 -5.55 -16.63
N PHE A 159 1.24 -4.88 -15.47
CA PHE A 159 1.29 -3.43 -15.47
C PHE A 159 2.69 -3.07 -15.98
N ASP A 160 2.85 -1.84 -16.49
CA ASP A 160 4.15 -1.39 -16.96
C ASP A 160 5.11 -1.49 -15.77
N ARG A 161 4.61 -1.18 -14.57
CA ARG A 161 5.40 -1.27 -13.35
C ARG A 161 4.49 -1.77 -12.24
N TYR A 162 4.91 -2.82 -11.55
CA TYR A 162 4.15 -3.42 -10.47
C TYR A 162 5.07 -3.54 -9.27
N SER A 163 4.70 -2.90 -8.16
CA SER A 163 5.52 -2.93 -6.96
C SER A 163 4.75 -3.58 -5.82
N VAL A 164 5.36 -4.61 -5.22
CA VAL A 164 4.74 -5.33 -4.11
C VAL A 164 5.54 -5.03 -2.85
N PHE A 165 4.86 -4.68 -1.77
CA PHE A 165 5.54 -4.40 -0.50
C PHE A 165 5.16 -5.46 0.52
N ARG A 166 6.16 -6.08 1.14
CA ARG A 166 5.94 -7.13 2.14
C ARG A 166 6.44 -6.74 3.54
N PRO A 167 5.79 -5.77 4.18
CA PRO A 167 6.23 -5.34 5.51
C PRO A 167 5.92 -6.37 6.59
N GLY A 168 6.70 -6.30 7.67
CA GLY A 168 6.46 -7.16 8.82
C GLY A 168 5.31 -6.49 9.56
N VAL A 169 5.05 -6.89 10.80
CA VAL A 169 3.94 -6.30 11.56
C VAL A 169 4.10 -4.78 11.65
N LEU A 170 3.02 -4.06 11.38
CA LEU A 170 3.05 -2.59 11.37
C LEU A 170 3.02 -1.93 12.74
N LEU A 171 4.00 -1.08 12.99
CA LEU A 171 4.09 -0.36 14.25
C LEU A 171 3.59 1.06 14.04
N CYS A 172 3.37 1.77 15.14
CA CYS A 172 2.96 3.15 15.05
C CYS A 172 3.50 3.89 16.26
N ASP A 173 3.46 5.21 16.18
CA ASP A 173 3.90 6.06 17.28
C ASP A 173 5.18 5.64 18.00
N ARG A 174 6.24 5.41 17.23
CA ARG A 174 7.55 5.05 17.77
C ARG A 174 7.60 3.85 18.71
N GLN A 175 6.71 2.89 18.53
CA GLN A 175 6.72 1.71 19.38
C GLN A 175 8.09 1.03 19.38
N GLU A 176 8.81 1.15 18.26
CA GLU A 176 10.10 0.51 18.14
C GLU A 176 11.18 1.04 19.09
N SER A 177 10.96 2.23 19.66
CA SER A 177 11.95 2.80 20.59
C SER A 177 11.35 3.09 21.96
N ARG A 178 10.12 2.64 22.18
CA ARG A 178 9.47 2.85 23.48
C ARG A 178 9.62 1.61 24.36
N PRO A 179 9.26 1.71 25.65
CA PRO A 179 9.42 0.53 26.51
C PRO A 179 8.81 -0.79 26.07
N GLY A 180 7.75 -0.74 25.27
CA GLY A 180 7.12 -1.97 24.81
C GLY A 180 8.07 -2.84 23.99
N GLU A 181 8.97 -2.18 23.26
CA GLU A 181 9.94 -2.93 22.45
C GLU A 181 10.88 -3.72 23.35
N TRP A 182 11.24 -3.13 24.48
CA TRP A 182 12.13 -3.81 25.43
C TRP A 182 11.40 -5.02 26.03
N LEU A 183 10.14 -4.83 26.40
CA LEU A 183 9.34 -5.91 26.96
C LEU A 183 9.16 -7.06 25.97
N VAL A 184 8.81 -6.74 24.74
CA VAL A 184 8.61 -7.79 23.74
C VAL A 184 9.91 -8.51 23.40
N ARG A 185 10.98 -7.74 23.26
CA ARG A 185 12.27 -8.34 22.93
C ARG A 185 12.77 -9.24 24.06
N LYS A 186 12.60 -8.80 25.30
CA LYS A 186 13.06 -9.60 26.42
C LYS A 186 12.27 -10.89 26.53
N PHE A 187 10.98 -10.82 26.17
CA PHE A 187 10.12 -11.99 26.24
C PHE A 187 10.67 -13.08 25.32
N PHE A 188 11.20 -12.65 24.18
CA PHE A 188 11.76 -13.59 23.20
C PHE A 188 13.17 -14.06 23.51
N GLY A 189 13.83 -13.44 24.49
CA GLY A 189 15.18 -13.85 24.85
C GLY A 189 16.19 -12.72 24.97
N SER A 190 17.47 -13.08 24.99
CA SER A 190 18.54 -12.10 25.08
C SER A 190 18.86 -11.78 23.62
N LEU A 191 18.36 -10.64 23.17
CA LEU A 191 18.54 -10.26 21.77
C LEU A 191 19.13 -8.86 21.56
N PRO A 192 19.69 -8.60 20.37
CA PRO A 192 20.30 -7.32 20.02
C PRO A 192 19.27 -6.20 19.84
N ASP A 193 19.69 -4.96 20.06
CA ASP A 193 18.80 -3.81 19.95
C ASP A 193 18.15 -3.64 18.57
N SER A 194 18.64 -4.37 17.57
CA SER A 194 18.10 -4.26 16.22
C SER A 194 17.22 -5.44 15.82
N TRP A 195 16.91 -6.29 16.79
CA TRP A 195 16.07 -7.47 16.57
C TRP A 195 14.70 -7.16 15.98
N ALA A 196 14.06 -6.14 16.52
CA ALA A 196 12.73 -5.76 16.09
C ALA A 196 12.60 -5.44 14.62
N SER A 197 13.64 -4.88 14.01
CA SER A 197 13.58 -4.51 12.59
C SER A 197 13.40 -5.71 11.67
N GLY A 198 13.70 -6.89 12.17
CA GLY A 198 13.54 -8.07 11.34
C GLY A 198 12.11 -8.55 11.19
N HIS A 199 11.26 -8.24 12.16
CA HIS A 199 9.89 -8.72 12.12
C HIS A 199 8.80 -7.65 12.17
N SER A 200 9.19 -6.39 12.21
CA SER A 200 8.21 -5.32 12.28
C SER A 200 8.76 -4.11 11.53
N VAL A 201 7.92 -3.10 11.36
CA VAL A 201 8.34 -1.88 10.69
C VAL A 201 7.29 -0.79 10.94
N PRO A 202 7.74 0.45 11.20
CA PRO A 202 6.78 1.54 11.45
C PRO A 202 5.99 1.82 10.17
N VAL A 203 4.69 2.08 10.32
CA VAL A 203 3.87 2.37 9.16
C VAL A 203 4.40 3.58 8.38
N VAL A 204 4.94 4.58 9.07
CA VAL A 204 5.45 5.75 8.35
C VAL A 204 6.64 5.35 7.49
N THR A 205 7.43 4.39 7.94
CA THR A 205 8.57 3.92 7.17
C THR A 205 8.08 3.19 5.91
N VAL A 206 7.00 2.44 6.05
CA VAL A 206 6.45 1.73 4.89
C VAL A 206 5.98 2.75 3.85
N VAL A 207 5.26 3.77 4.30
CA VAL A 207 4.77 4.79 3.39
C VAL A 207 5.92 5.55 2.75
N ARG A 208 6.94 5.89 3.52
CA ARG A 208 8.07 6.60 2.94
C ARG A 208 8.77 5.73 1.89
N ALA A 209 8.85 4.43 2.14
CA ALA A 209 9.47 3.54 1.16
C ALA A 209 8.62 3.52 -0.11
N MET A 210 7.31 3.45 0.06
CA MET A 210 6.42 3.44 -1.11
C MET A 210 6.58 4.71 -1.95
N LEU A 211 6.67 5.86 -1.31
CA LEU A 211 6.80 7.12 -2.03
C LEU A 211 8.21 7.40 -2.54
N ASN A 212 9.22 6.88 -1.85
CA ASN A 212 10.59 7.06 -2.34
C ASN A 212 10.72 6.18 -3.58
N ASN A 213 10.04 5.04 -3.59
CA ASN A 213 10.11 4.15 -4.75
C ASN A 213 9.33 4.71 -5.94
N VAL A 214 8.20 5.34 -5.67
CA VAL A 214 7.36 5.85 -6.76
C VAL A 214 8.05 6.90 -7.62
N VAL A 215 8.99 7.64 -7.05
CA VAL A 215 9.68 8.69 -7.82
C VAL A 215 10.94 8.20 -8.52
N ARG A 216 11.32 6.94 -8.31
CA ARG A 216 12.47 6.40 -9.00
C ARG A 216 12.03 6.06 -10.43
N PRO A 217 12.89 6.32 -11.42
CA PRO A 217 12.50 5.99 -12.80
C PRO A 217 12.23 4.50 -12.94
N ARG A 218 11.20 4.15 -13.69
CA ARG A 218 10.86 2.75 -13.89
C ARG A 218 12.06 2.00 -14.45
N ASP A 219 12.29 0.80 -13.93
CA ASP A 219 13.39 -0.05 -14.38
C ASP A 219 12.79 -1.42 -14.69
N LYS A 220 12.70 -2.27 -13.67
CA LYS A 220 12.13 -3.61 -13.85
C LYS A 220 10.61 -3.53 -13.88
N GLN A 221 9.98 -4.46 -14.60
CA GLN A 221 8.53 -4.47 -14.68
C GLN A 221 7.90 -4.82 -13.32
N MET A 222 8.55 -5.72 -12.58
CA MET A 222 8.04 -6.09 -11.25
C MET A 222 9.11 -5.89 -10.17
N GLU A 223 8.71 -5.26 -9.07
CA GLU A 223 9.62 -4.99 -7.96
C GLU A 223 8.96 -5.56 -6.71
N LEU A 224 9.71 -6.25 -5.88
CA LEU A 224 9.13 -6.77 -4.65
C LEU A 224 10.08 -6.41 -3.52
N LEU A 225 9.58 -5.60 -2.60
CA LEU A 225 10.39 -5.16 -1.48
C LEU A 225 10.02 -5.87 -0.19
N GLU A 226 10.99 -6.60 0.36
CA GLU A 226 10.79 -7.30 1.63
C GLU A 226 10.98 -6.30 2.75
N ASN A 227 10.73 -6.73 3.99
CA ASN A 227 10.81 -5.83 5.13
C ASN A 227 12.13 -5.07 5.29
N LYS A 228 13.26 -5.75 5.08
CA LYS A 228 14.55 -5.08 5.22
C LYS A 228 14.69 -3.95 4.19
N ALA A 229 14.33 -4.23 2.95
CA ALA A 229 14.40 -3.23 1.89
C ALA A 229 13.49 -2.04 2.20
N ILE A 230 12.34 -2.32 2.82
CA ILE A 230 11.41 -1.26 3.17
C ILE A 230 12.06 -0.37 4.22
N HIS A 231 12.67 -0.98 5.24
CA HIS A 231 13.37 -0.21 6.27
C HIS A 231 14.47 0.65 5.62
N ASP A 232 15.23 0.06 4.70
CA ASP A 232 16.31 0.79 4.05
C ASP A 232 15.83 1.95 3.18
N LEU A 233 14.81 1.71 2.38
CA LEU A 233 14.31 2.75 1.50
C LEU A 233 13.44 3.79 2.20
N GLY A 234 12.77 3.39 3.28
CA GLY A 234 11.89 4.31 4.01
C GLY A 234 12.60 5.17 5.03
N LYS A 235 13.92 5.05 5.07
CA LYS A 235 14.80 5.81 5.95
C LYS A 235 14.19 7.13 6.40
N ALA A 236 14.34 7.49 7.59
PA NDP B . -6.72 -1.27 8.19
O1A NDP B . -7.65 -2.20 8.88
O2A NDP B . -6.31 -0.08 8.94
O5B NDP B . -7.39 -0.68 6.88
C5B NDP B . -8.08 -1.57 6.07
C4B NDP B . -8.74 -0.96 4.78
O4B NDP B . -9.47 -1.86 3.94
C3B NDP B . -9.70 0.16 5.10
O3B NDP B . -9.58 1.24 4.10
C2B NDP B . -11.00 -0.51 4.98
O2B NDP B . -12.16 0.34 4.81
C1B NDP B . -10.80 -1.40 3.79
N9A NDP B . -11.74 -2.51 3.89
C8A NDP B . -11.78 -3.57 4.80
N7A NDP B . -12.81 -4.35 4.60
C5A NDP B . -13.46 -3.79 3.53
C6A NDP B . -14.64 -4.15 2.84
N6A NDP B . -15.36 -5.20 3.20
N1A NDP B . -15.03 -3.37 1.79
C2A NDP B . -14.31 -2.29 1.42
N3A NDP B . -13.19 -1.87 2.03
C4A NDP B . -12.82 -2.67 3.08
O3 NDP B . -5.46 -2.04 7.57
PN NDP B . -3.89 -1.82 7.70
O1N NDP B . -3.42 -2.26 9.04
O2N NDP B . -3.57 -0.42 7.36
O5D NDP B . -3.38 -2.82 6.58
C5D NDP B . -3.33 -2.46 5.21
C4D NDP B . -2.89 -3.65 4.41
O4D NDP B . -1.57 -4.00 4.96
C3D NDP B . -3.71 -4.92 4.55
O3D NDP B . -3.80 -5.53 3.26
C2D NDP B . -2.93 -5.82 5.57
O2D NDP B . -3.20 -7.19 5.35
C1D NDP B . -1.52 -5.41 5.23
N1N NDP B . -0.65 -5.67 6.38
C2N NDP B . -0.97 -5.17 7.72
C3N NDP B . -0.10 -5.49 8.79
C7N NDP B . -0.35 -4.96 10.17
O7N NDP B . 0.35 -5.17 11.08
N7N NDP B . -1.49 -4.17 10.33
C4N NDP B . 1.13 -6.25 8.51
C5N NDP B . 1.58 -6.44 7.16
C6N NDP B . 0.69 -6.16 6.07
P2B NDP B . -13.14 0.78 6.01
O1X NDP B . -12.47 1.84 6.81
O2X NDP B . -14.31 1.21 5.25
O3X NDP B . -13.38 -0.47 6.77
O1 PE8 C . 10.20 -11.10 31.13
C2 PE8 C . 10.15 -10.50 29.82
C3 PE8 C . 9.02 -9.65 29.73
O4 PE8 C . 7.85 -10.42 29.41
C5 PE8 C . 6.68 -9.56 29.33
C6 PE8 C . 6.46 -9.13 27.88
O7 PE8 C . 5.64 -10.10 27.22
C8 PE8 C . 5.41 -9.72 25.84
C9 PE8 C . 4.25 -10.59 25.31
O10 PE8 C . 4.67 -11.33 24.16
C11 PE8 C . 3.80 -11.04 23.02
C12 PE8 C . 4.30 -9.82 22.22
O13 PE8 C . 3.20 -9.11 21.58
C14 PE8 C . 2.47 -8.35 22.56
C15 PE8 C . 0.98 -8.73 22.53
O16 PE8 C . 0.33 -8.16 21.38
C17 PE8 C . -0.93 -8.80 21.18
C18 PE8 C . -1.81 -7.89 20.31
O19 PE8 C . -0.96 -7.18 19.39
C20 PE8 C . -1.41 -7.40 18.05
C21 PE8 C . -1.04 -6.20 17.19
O22 PE8 C . 0.38 -6.17 17.01
C23 PE8 C . 0.84 -4.89 17.45
C24 PE8 C . 2.34 -4.79 17.34
O25 PE8 C . 2.78 -3.99 18.44
C1 GOL D . -17.38 -7.79 -8.47
O1 GOL D . -17.91 -8.34 -9.68
C2 GOL D . -16.07 -8.53 -8.11
O2 GOL D . -16.31 -9.95 -8.12
C3 GOL D . -15.55 -8.11 -6.72
O3 GOL D . -15.06 -6.77 -6.78
C1 GOL E . 11.55 -6.64 -16.18
O1 GOL E . 12.77 -6.40 -16.89
C2 GOL E . 11.85 -7.41 -14.87
O2 GOL E . 12.43 -8.68 -15.18
C3 GOL E . 10.57 -7.62 -14.03
O3 GOL E . 10.90 -8.25 -12.79
S SO4 F . -15.12 -18.45 10.04
O1 SO4 F . -14.72 -19.86 10.15
O2 SO4 F . -13.99 -17.59 10.44
O3 SO4 F . -16.27 -18.19 10.93
O4 SO4 F . -15.50 -18.16 8.64
S SO4 G . -7.13 -18.45 13.05
O1 SO4 G . -6.45 -19.32 14.03
O2 SO4 G . -6.24 -18.22 11.90
O3 SO4 G . -7.48 -17.17 13.70
O4 SO4 G . -8.37 -19.10 12.58
#